data_8PGB
#
_entry.id   8PGB
#
_cell.length_a   39.550
_cell.length_b   68.126
_cell.length_c   40.335
_cell.angle_alpha   90.000
_cell.angle_beta   93.620
_cell.angle_gamma   90.000
#
_symmetry.space_group_name_H-M   'P 1 21 1'
#
loop_
_entity.id
_entity.type
_entity.pdbx_description
1 polymer 'Beta-lactamase VIM-1'
2 non-polymer 'ZINC ION'
3 non-polymer '3-[3-fluoranyl-4-(methylsulfonylmethyl)phenyl]-7-[(1~{S})-1-(5-methyl-1,2,4-oxadiazol-3-yl)ethyl]-1~{H}-indole-2-carboxylic acid'
4 water water
#
_entity_poly.entity_id   1
_entity_poly.type   'polypeptide(L)'
_entity_poly.pdbx_seq_one_letter_code
;MLKVISSLLVYMTASVMAVASPLAHSGEPSGEYPTVNEIPVGEVRLYQIADGVWSHIATQSFDGAVYPSNGLIVRDGDEL
LLIDTAWGAKNTAALLAEIEKQIGLPVTRAVSTHFHDDRVGGVDVLRAAGVATYASPSTRRLAEAEGNEIPTHSLEGLSS
SGDAVRFGPVELFYPGAAHSTDNLVVYVPSANVLYGGCAVHELSSTSAGNVADADLAEWPTSVERIQKHYPEAEVVIPGH
GLPGGLDLLQHTANVVKAHKNRSVAE
;
_entity_poly.pdbx_strand_id   A
#
loop_
_chem_comp.id
_chem_comp.type
_chem_comp.name
_chem_comp.formula
YSK non-polymer '3-[3-fluoranyl-4-(methylsulfonylmethyl)phenyl]-7-[(1~{S})-1-(5-methyl-1,2,4-oxadiazol-3-yl)ethyl]-1~{H}-indole-2-carboxylic acid' 'C22 H20 F N3 O5 S'
ZN non-polymer 'ZINC ION' 'Zn 2'
#
# COMPACT_ATOMS: atom_id res chain seq x y z
N SER A 30 -19.50 2.00 10.76
CA SER A 30 -19.80 3.20 11.52
C SER A 30 -18.69 3.66 12.47
N GLY A 31 -17.44 3.72 12.00
CA GLY A 31 -16.35 4.24 12.80
C GLY A 31 -15.16 3.29 12.96
N GLU A 32 -15.41 1.98 13.02
CA GLU A 32 -14.27 1.07 13.14
C GLU A 32 -13.62 0.87 11.77
N TYR A 33 -12.43 0.31 11.79
CA TYR A 33 -11.72 0.11 10.53
C TYR A 33 -12.45 -0.96 9.74
N PRO A 34 -12.74 -0.75 8.46
CA PRO A 34 -13.57 -1.71 7.75
C PRO A 34 -12.83 -2.98 7.40
N THR A 35 -13.50 -4.13 7.62
N THR A 35 -13.67 -3.95 7.05
CA THR A 35 -12.87 -5.46 7.51
CA THR A 35 -13.28 -5.26 6.58
C THR A 35 -13.35 -6.17 6.25
C THR A 35 -14.18 -5.65 5.42
N VAL A 36 -12.66 -7.28 5.91
N VAL A 36 -13.90 -6.84 4.89
CA VAL A 36 -12.90 -7.89 4.60
CA VAL A 36 -14.70 -7.41 3.81
C VAL A 36 -14.36 -8.26 4.41
C VAL A 36 -16.20 -7.38 4.13
N ASN A 37 -15.02 -8.80 5.44
N ASN A 37 -16.57 -7.47 5.41
CA ASN A 37 -16.41 -9.22 5.29
CA ASN A 37 -17.99 -7.59 5.72
C ASN A 37 -17.39 -8.06 5.25
C ASN A 37 -18.74 -6.25 5.72
N GLU A 38 -16.93 -6.82 5.47
N GLU A 38 -18.02 -5.14 5.74
CA GLU A 38 -17.82 -5.66 5.50
CA GLU A 38 -18.64 -3.82 5.85
C GLU A 38 -17.77 -4.85 4.21
C GLU A 38 -18.51 -2.98 4.59
N ILE A 39 -16.94 -5.24 3.25
N ILE A 39 -17.87 -3.51 3.56
CA ILE A 39 -16.78 -4.50 2.00
CA ILE A 39 -17.74 -2.84 2.27
C ILE A 39 -17.03 -5.44 0.83
C ILE A 39 -18.70 -3.52 1.31
N PRO A 40 -18.14 -5.30 0.09
N PRO A 40 -19.72 -2.83 0.80
CA PRO A 40 -18.32 -6.13 -1.10
CA PRO A 40 -20.65 -3.52 -0.10
C PRO A 40 -17.26 -5.81 -2.13
C PRO A 40 -19.91 -4.05 -1.32
N VAL A 41 -16.88 -6.81 -2.92
N VAL A 41 -20.60 -4.66 -2.27
CA VAL A 41 -15.92 -6.54 -3.99
CA VAL A 41 -19.94 -5.35 -3.37
C VAL A 41 -16.54 -5.54 -4.96
C VAL A 41 -19.37 -4.35 -4.37
N GLY A 42 -15.82 -4.45 -5.22
N GLY A 42 -18.09 -4.49 -4.70
CA GLY A 42 -16.27 -3.38 -6.10
CA GLY A 42 -17.44 -3.62 -5.66
C GLY A 42 -16.54 -2.06 -5.40
C GLY A 42 -17.21 -2.21 -5.17
N GLU A 43 -16.70 -2.07 -4.10
N GLU A 43 -17.02 -2.04 -3.87
CA GLU A 43 -16.92 -0.86 -3.31
CA GLU A 43 -17.03 -0.73 -3.25
C GLU A 43 -15.60 -0.48 -2.67
C GLU A 43 -15.74 -0.49 -2.52
N VAL A 44 -15.49 0.79 -2.27
CA VAL A 44 -14.29 1.28 -1.62
C VAL A 44 -14.71 2.10 -0.42
N ARG A 45 -13.96 1.96 0.67
N ARG A 45 -14.01 1.95 0.69
CA ARG A 45 -14.16 2.77 1.87
CA ARG A 45 -14.24 2.82 1.84
C ARG A 45 -12.91 3.60 2.11
C ARG A 45 -12.95 3.55 2.19
N LEU A 46 -13.11 4.76 2.72
CA LEU A 46 -12.00 5.54 3.23
C LEU A 46 -12.07 5.59 4.74
N TYR A 47 -10.90 5.75 5.34
CA TYR A 47 -10.79 5.83 6.79
C TYR A 47 -9.81 6.93 7.15
N GLN A 48 -10.25 7.89 7.96
CA GLN A 48 -9.39 8.99 8.34
C GLN A 48 -8.35 8.51 9.34
N ILE A 49 -7.07 8.66 8.99
CA ILE A 49 -5.98 8.24 9.86
C ILE A 49 -5.47 9.38 10.72
N ALA A 50 -5.36 10.58 10.13
CA ALA A 50 -4.80 11.75 10.78
C ALA A 50 -5.25 12.93 9.94
N ASP A 51 -4.91 14.15 10.35
CA ASP A 51 -5.23 15.31 9.56
CA ASP A 51 -5.25 15.31 9.56
C ASP A 51 -4.59 15.20 8.18
N GLY A 52 -5.41 15.25 7.12
CA GLY A 52 -4.85 15.14 5.78
C GLY A 52 -4.31 13.78 5.36
N VAL A 53 -4.65 12.70 6.09
CA VAL A 53 -4.20 11.36 5.77
C VAL A 53 -5.36 10.39 5.92
N TRP A 54 -5.66 9.65 4.86
CA TRP A 54 -6.68 8.61 4.87
C TRP A 54 -6.06 7.32 4.37
N SER A 55 -6.63 6.21 4.80
CA SER A 55 -6.42 4.98 4.06
C SER A 55 -7.64 4.68 3.21
N HIS A 56 -7.42 3.92 2.15
CA HIS A 56 -8.49 3.40 1.33
C HIS A 56 -8.48 1.89 1.43
N ILE A 57 -9.67 1.29 1.48
CA ILE A 57 -9.85 -0.14 1.70
C ILE A 57 -10.80 -0.69 0.64
N ALA A 58 -10.37 -1.76 0.00
CA ALA A 58 -11.17 -2.41 -1.02
C ALA A 58 -11.01 -3.91 -0.87
N THR A 59 -11.82 -4.66 -1.60
CA THR A 59 -11.70 -6.11 -1.55
CA THR A 59 -11.74 -6.10 -1.55
C THR A 59 -11.65 -6.68 -2.96
N GLN A 60 -10.99 -7.83 -3.07
CA GLN A 60 -10.84 -8.46 -4.38
C GLN A 60 -10.78 -9.96 -4.20
N SER A 61 -11.20 -10.67 -5.22
CA SER A 61 -11.09 -12.12 -5.30
CA SER A 61 -11.08 -12.12 -5.28
C SER A 61 -9.81 -12.51 -6.03
N PHE A 62 -9.13 -13.52 -5.52
CA PHE A 62 -7.89 -14.03 -6.11
C PHE A 62 -7.80 -15.51 -5.78
N ASP A 63 -7.72 -16.32 -6.83
CA ASP A 63 -7.60 -17.77 -6.69
C ASP A 63 -8.72 -18.35 -5.81
N GLY A 64 -9.91 -17.76 -5.93
CA GLY A 64 -11.09 -18.31 -5.27
C GLY A 64 -11.27 -17.91 -3.82
N ALA A 65 -10.51 -16.91 -3.35
CA ALA A 65 -10.73 -16.39 -2.01
C ALA A 65 -10.79 -14.87 -2.08
N VAL A 66 -11.40 -14.25 -1.08
CA VAL A 66 -11.59 -12.80 -1.04
C VAL A 66 -10.68 -12.20 0.01
N TYR A 67 -9.99 -11.11 -0.35
CA TYR A 67 -9.03 -10.45 0.50
C TYR A 67 -9.28 -8.96 0.52
N PRO A 68 -9.04 -8.31 1.65
CA PRO A 68 -9.02 -6.85 1.70
C PRO A 68 -7.63 -6.35 1.34
N SER A 69 -7.57 -5.07 1.01
N SER A 69 -7.56 -5.09 0.95
CA SER A 69 -6.32 -4.40 0.68
CA SER A 69 -6.26 -4.45 0.77
C SER A 69 -6.43 -2.94 1.07
C SER A 69 -6.39 -2.95 0.98
N ASN A 70 -5.31 -2.36 1.50
CA ASN A 70 -5.21 -0.95 1.85
C ASN A 70 -4.35 -0.17 0.86
N GLY A 71 -4.65 1.11 0.76
CA GLY A 71 -3.75 2.11 0.23
C GLY A 71 -3.83 3.38 1.06
N LEU A 72 -3.20 4.45 0.60
CA LEU A 72 -3.11 5.70 1.33
C LEU A 72 -3.50 6.87 0.44
N ILE A 73 -4.03 7.92 1.07
CA ILE A 73 -4.32 9.21 0.42
C ILE A 73 -3.73 10.27 1.32
N VAL A 74 -2.96 11.19 0.74
CA VAL A 74 -2.30 12.24 1.54
C VAL A 74 -2.61 13.59 0.90
N ARG A 75 -3.14 14.52 1.69
N ARG A 75 -3.16 14.51 1.67
CA ARG A 75 -3.43 15.85 1.17
CA ARG A 75 -3.42 15.83 1.14
C ARG A 75 -2.13 16.59 0.86
C ARG A 75 -2.10 16.54 0.82
N ASP A 76 -2.10 17.24 -0.29
CA ASP A 76 -0.91 17.86 -0.91
C ASP A 76 -1.42 19.26 -1.33
N GLY A 77 -1.65 20.13 -0.35
CA GLY A 77 -2.25 21.44 -0.61
C GLY A 77 -3.71 21.36 -1.03
N ASP A 78 -4.04 21.78 -2.26
CA ASP A 78 -5.39 21.58 -2.78
C ASP A 78 -5.46 20.40 -3.74
N GLU A 79 -4.49 19.50 -3.67
CA GLU A 79 -4.46 18.27 -4.46
CA GLU A 79 -4.47 18.28 -4.46
C GLU A 79 -4.24 17.10 -3.53
N LEU A 80 -4.36 15.89 -4.07
CA LEU A 80 -4.11 14.67 -3.32
C LEU A 80 -3.05 13.81 -3.99
N LEU A 81 -2.25 13.16 -3.15
CA LEU A 81 -1.30 12.12 -3.54
C LEU A 81 -1.92 10.77 -3.14
N LEU A 82 -2.02 9.87 -4.11
CA LEU A 82 -2.50 8.51 -3.86
C LEU A 82 -1.33 7.56 -3.77
N ILE A 83 -1.37 6.68 -2.78
CA ILE A 83 -0.43 5.57 -2.67
C ILE A 83 -1.22 4.27 -2.89
N ASP A 84 -0.87 3.59 -3.98
CA ASP A 84 -1.43 2.30 -4.40
C ASP A 84 -2.83 2.39 -4.96
N THR A 85 -3.11 1.54 -5.93
CA THR A 85 -4.46 1.41 -6.47
C THR A 85 -5.34 0.62 -5.48
N ALA A 86 -6.60 0.44 -5.84
CA ALA A 86 -7.55 -0.31 -5.04
C ALA A 86 -7.71 -1.75 -5.53
N TRP A 87 -6.70 -2.30 -6.20
CA TRP A 87 -6.70 -3.71 -6.62
C TRP A 87 -7.73 -3.98 -7.70
N GLY A 88 -7.50 -3.37 -8.85
CA GLY A 88 -8.30 -3.60 -10.04
C GLY A 88 -8.88 -2.33 -10.61
N ALA A 89 -9.22 -2.40 -11.90
CA ALA A 89 -9.78 -1.27 -12.61
C ALA A 89 -11.11 -0.80 -12.03
N LYS A 90 -12.06 -1.73 -11.83
N LYS A 90 -12.06 -1.72 -11.82
CA LYS A 90 -13.35 -1.34 -11.30
CA LYS A 90 -13.36 -1.27 -11.31
C LYS A 90 -13.20 -0.73 -9.90
C LYS A 90 -13.26 -0.76 -9.88
N ASN A 91 -12.46 -1.41 -9.03
CA ASN A 91 -12.28 -0.88 -7.69
C ASN A 91 -11.61 0.49 -7.71
N THR A 92 -10.65 0.71 -8.62
CA THR A 92 -9.94 1.98 -8.65
C THR A 92 -10.87 3.08 -9.17
N ALA A 93 -11.74 2.78 -10.12
CA ALA A 93 -12.76 3.76 -10.50
C ALA A 93 -13.65 4.11 -9.30
N ALA A 94 -14.06 3.09 -8.54
CA ALA A 94 -14.85 3.32 -7.34
C ALA A 94 -14.09 4.16 -6.31
N LEU A 95 -12.77 3.94 -6.20
CA LEU A 95 -11.93 4.75 -5.30
C LEU A 95 -12.00 6.22 -5.69
N LEU A 96 -11.78 6.52 -6.97
CA LEU A 96 -11.84 7.91 -7.40
C LEU A 96 -13.19 8.54 -7.09
N ALA A 97 -14.28 7.80 -7.28
CA ALA A 97 -15.61 8.33 -6.97
C ALA A 97 -15.78 8.55 -5.46
N GLU A 98 -15.26 7.64 -4.65
CA GLU A 98 -15.34 7.81 -3.21
C GLU A 98 -14.52 9.02 -2.73
N ILE A 99 -13.33 9.23 -3.31
CA ILE A 99 -12.54 10.42 -2.99
C ILE A 99 -13.31 11.69 -3.34
N GLU A 100 -13.94 11.73 -4.52
CA GLU A 100 -14.70 12.92 -4.89
C GLU A 100 -15.84 13.19 -3.92
N LYS A 101 -16.52 12.13 -3.47
CA LYS A 101 -17.63 12.27 -2.51
C LYS A 101 -17.15 12.72 -1.14
N GLN A 102 -16.07 12.13 -0.62
CA GLN A 102 -15.71 12.31 0.78
C GLN A 102 -14.71 13.46 0.98
N ILE A 103 -13.87 13.74 0.00
CA ILE A 103 -12.78 14.71 0.13
C ILE A 103 -12.96 15.87 -0.84
N GLY A 104 -13.19 15.58 -2.12
CA GLY A 104 -13.51 16.63 -3.05
C GLY A 104 -12.32 17.38 -3.62
N LEU A 105 -11.10 16.85 -3.49
CA LEU A 105 -9.90 17.41 -4.07
C LEU A 105 -9.39 16.47 -5.14
N PRO A 106 -8.74 16.96 -6.18
CA PRO A 106 -8.30 16.06 -7.27
C PRO A 106 -7.07 15.26 -6.90
N VAL A 107 -7.06 14.00 -7.31
CA VAL A 107 -5.88 13.17 -7.25
C VAL A 107 -5.01 13.53 -8.44
N THR A 108 -3.78 14.03 -8.18
CA THR A 108 -2.94 14.42 -9.28
C THR A 108 -1.76 13.51 -9.52
N ARG A 109 -1.30 12.77 -8.50
CA ARG A 109 -0.19 11.87 -8.62
C ARG A 109 -0.51 10.61 -7.84
N ALA A 110 0.08 9.49 -8.29
CA ALA A 110 -0.02 8.23 -7.55
C ALA A 110 1.32 7.53 -7.58
N VAL A 111 1.65 6.84 -6.48
CA VAL A 111 2.83 6.00 -6.39
C VAL A 111 2.37 4.59 -6.06
N SER A 112 2.92 3.61 -6.79
CA SER A 112 2.70 2.20 -6.50
C SER A 112 3.90 1.64 -5.78
N THR A 113 3.67 0.97 -4.67
CA THR A 113 4.77 0.56 -3.80
C THR A 113 5.37 -0.81 -4.11
N HIS A 114 4.75 -1.62 -4.97
CA HIS A 114 5.42 -2.76 -5.60
C HIS A 114 4.57 -3.19 -6.80
N PHE A 115 4.97 -4.26 -7.46
CA PHE A 115 4.48 -4.56 -8.79
C PHE A 115 3.23 -5.41 -8.85
N HIS A 116 2.74 -5.91 -7.73
CA HIS A 116 1.60 -6.80 -7.77
C HIS A 116 0.29 -6.04 -8.06
N ASP A 117 -0.73 -6.82 -8.44
N ASP A 117 -0.73 -6.81 -8.45
CA ASP A 117 -2.01 -6.26 -8.88
CA ASP A 117 -1.99 -6.22 -8.89
C ASP A 117 -2.65 -5.37 -7.82
C ASP A 117 -2.75 -5.46 -7.82
N ASP A 118 -2.50 -5.73 -6.54
CA ASP A 118 -3.11 -4.95 -5.48
C ASP A 118 -2.45 -3.56 -5.33
N ARG A 119 -1.39 -3.29 -6.06
CA ARG A 119 -0.68 -2.02 -6.03
C ARG A 119 -0.73 -1.29 -7.34
N VAL A 120 -0.74 -2.00 -8.46
CA VAL A 120 -0.75 -1.38 -9.79
C VAL A 120 -2.02 -1.65 -10.59
N GLY A 121 -2.86 -2.59 -10.17
CA GLY A 121 -4.06 -2.87 -10.93
C GLY A 121 -5.04 -1.73 -10.78
N GLY A 122 -5.31 -1.02 -11.88
CA GLY A 122 -6.00 0.25 -11.83
C GLY A 122 -5.16 1.43 -12.25
N VAL A 123 -3.88 1.23 -12.54
CA VAL A 123 -3.03 2.30 -13.02
C VAL A 123 -3.54 2.85 -14.35
N ASP A 124 -4.09 1.99 -15.20
CA ASP A 124 -4.61 2.49 -16.46
C ASP A 124 -5.83 3.38 -16.23
N VAL A 125 -6.71 3.03 -15.29
CA VAL A 125 -7.84 3.89 -14.91
C VAL A 125 -7.33 5.23 -14.40
N LEU A 126 -6.29 5.21 -13.56
CA LEU A 126 -5.74 6.46 -13.04
C LEU A 126 -5.20 7.32 -14.16
N ARG A 127 -4.44 6.71 -15.08
CA ARG A 127 -3.79 7.47 -16.14
C ARG A 127 -4.84 8.10 -17.05
N ALA A 128 -5.99 7.46 -17.27
CA ALA A 128 -7.10 8.05 -18.04
C ALA A 128 -7.93 9.08 -17.27
N ALA A 129 -7.73 9.21 -15.97
CA ALA A 129 -8.40 10.20 -15.16
C ALA A 129 -7.47 11.37 -14.82
N GLY A 130 -6.36 11.51 -15.54
CA GLY A 130 -5.47 12.63 -15.38
C GLY A 130 -4.41 12.48 -14.31
N VAL A 131 -4.27 11.32 -13.72
CA VAL A 131 -3.33 11.11 -12.65
C VAL A 131 -1.99 10.68 -13.23
N ALA A 132 -0.93 11.34 -12.81
CA ALA A 132 0.42 10.94 -13.15
C ALA A 132 0.85 9.81 -12.22
N THR A 133 1.25 8.68 -12.80
CA THR A 133 1.54 7.45 -12.07
C THR A 133 3.06 7.21 -12.04
N TYR A 134 3.53 6.81 -10.87
CA TYR A 134 4.94 6.64 -10.59
C TYR A 134 5.22 5.33 -9.86
N ALA A 135 6.41 4.80 -10.09
CA ALA A 135 6.95 3.66 -9.36
C ALA A 135 8.45 3.61 -9.58
N SER A 136 9.14 2.83 -8.74
CA SER A 136 10.57 2.66 -8.97
C SER A 136 10.82 1.95 -10.30
N PRO A 137 12.02 2.11 -10.88
CA PRO A 137 12.33 1.34 -12.09
C PRO A 137 12.21 -0.15 -11.88
N SER A 138 12.51 -0.64 -10.68
N SER A 138 12.57 -0.65 -10.70
CA SER A 138 12.42 -2.07 -10.43
CA SER A 138 12.42 -2.08 -10.43
C SER A 138 10.97 -2.54 -10.46
C SER A 138 10.94 -2.48 -10.56
N THR A 139 10.07 -1.75 -9.87
CA THR A 139 8.66 -2.09 -9.93
C THR A 139 8.16 -2.05 -11.37
N ARG A 140 8.59 -1.06 -12.14
CA ARG A 140 8.11 -0.96 -13.51
C ARG A 140 8.55 -2.16 -14.33
N ARG A 141 9.80 -2.62 -14.15
N ARG A 141 9.82 -2.57 -14.20
CA ARG A 141 10.28 -3.75 -14.93
CA ARG A 141 10.31 -3.75 -14.89
C ARG A 141 9.60 -5.05 -14.52
C ARG A 141 9.49 -4.97 -14.52
N LEU A 142 9.33 -5.20 -13.23
CA LEU A 142 8.65 -6.42 -12.76
C LEU A 142 7.19 -6.42 -13.18
N ALA A 143 6.52 -5.26 -13.13
CA ALA A 143 5.13 -5.20 -13.58
C ALA A 143 5.04 -5.55 -15.05
N GLU A 144 5.94 -4.99 -15.86
CA GLU A 144 5.91 -5.29 -17.29
C GLU A 144 6.15 -6.78 -17.53
N ALA A 145 7.12 -7.38 -16.83
CA ALA A 145 7.41 -8.80 -17.06
C ALA A 145 6.25 -9.69 -16.63
N GLU A 146 5.52 -9.29 -15.59
CA GLU A 146 4.41 -10.08 -15.05
CA GLU A 146 4.41 -10.08 -15.06
C GLU A 146 3.12 -9.89 -15.83
N GLY A 147 3.05 -8.89 -16.70
CA GLY A 147 1.79 -8.61 -17.38
C GLY A 147 0.83 -7.77 -16.59
N ASN A 148 1.32 -7.01 -15.63
CA ASN A 148 0.49 -6.10 -14.86
C ASN A 148 0.56 -4.71 -15.46
N GLU A 149 -0.34 -3.83 -15.01
CA GLU A 149 -0.31 -2.46 -15.48
C GLU A 149 0.94 -1.73 -14.99
N ILE A 150 1.44 -0.81 -15.81
CA ILE A 150 2.76 -0.24 -15.62
C ILE A 150 2.65 1.26 -15.35
N PRO A 151 3.05 1.75 -14.17
CA PRO A 151 3.15 3.19 -13.93
C PRO A 151 4.02 3.90 -14.96
N THR A 152 3.66 5.15 -15.28
CA THR A 152 4.32 5.87 -16.36
C THR A 152 5.74 6.31 -16.01
N HIS A 153 5.95 6.82 -14.79
CA HIS A 153 7.17 7.54 -14.45
C HIS A 153 8.02 6.77 -13.45
N SER A 154 9.32 6.80 -13.66
CA SER A 154 10.27 6.07 -12.82
C SER A 154 10.76 6.97 -11.68
N LEU A 155 10.81 6.39 -10.47
CA LEU A 155 11.32 7.03 -9.27
C LEU A 155 12.76 6.60 -9.04
N GLU A 156 13.68 7.49 -9.35
CA GLU A 156 15.09 7.21 -9.13
C GLU A 156 15.47 7.47 -7.66
N GLY A 157 16.67 7.08 -7.30
CA GLY A 157 17.17 7.33 -5.98
C GLY A 157 16.71 6.38 -4.91
N LEU A 158 16.15 5.23 -5.29
CA LEU A 158 15.59 4.25 -4.36
C LEU A 158 16.16 2.84 -4.56
N SER A 159 17.28 2.71 -5.26
CA SER A 159 17.73 1.39 -5.65
C SER A 159 18.57 0.66 -4.62
N SER A 160 19.06 1.33 -3.56
N SER A 160 19.08 1.36 -3.60
CA SER A 160 19.83 0.65 -2.52
CA SER A 160 19.92 0.80 -2.56
C SER A 160 19.09 0.68 -1.20
C SER A 160 19.12 0.75 -1.25
N SER A 161 19.09 -0.44 -0.47
N SER A 161 19.30 -0.32 -0.49
CA SER A 161 18.38 -0.47 0.80
CA SER A 161 18.59 -0.44 0.78
C SER A 161 18.88 0.63 1.72
C SER A 161 18.95 0.75 1.67
N GLY A 162 17.94 1.33 2.34
CA GLY A 162 18.17 2.49 3.16
C GLY A 162 17.95 3.79 2.43
N ASP A 163 17.81 3.76 1.11
CA ASP A 163 17.55 4.97 0.34
C ASP A 163 16.18 5.59 0.66
N ALA A 164 16.14 6.90 0.62
CA ALA A 164 14.91 7.67 0.83
C ALA A 164 14.89 8.88 -0.08
N VAL A 165 13.72 9.22 -0.54
CA VAL A 165 13.48 10.39 -1.37
C VAL A 165 12.19 11.08 -0.94
N ARG A 166 12.10 12.40 -1.15
CA ARG A 166 10.85 13.09 -0.90
C ARG A 166 9.98 13.11 -2.15
N PHE A 167 8.66 13.01 -1.93
CA PHE A 167 7.69 13.02 -3.01
C PHE A 167 6.45 13.76 -2.45
N GLY A 168 6.31 15.03 -2.77
CA GLY A 168 5.23 15.81 -2.20
C GLY A 168 5.28 15.75 -0.70
N PRO A 169 4.15 15.45 -0.07
CA PRO A 169 4.08 15.45 1.39
C PRO A 169 4.55 14.16 2.06
N VAL A 170 5.18 13.23 1.33
CA VAL A 170 5.66 12.00 1.94
C VAL A 170 7.13 11.82 1.68
N GLU A 171 7.71 10.87 2.43
CA GLU A 171 9.03 10.32 2.15
C GLU A 171 8.82 8.88 1.69
N LEU A 172 9.51 8.49 0.62
CA LEU A 172 9.53 7.14 0.11
C LEU A 172 10.84 6.49 0.56
N PHE A 173 10.77 5.25 1.04
CA PHE A 173 11.93 4.58 1.62
C PHE A 173 11.99 3.17 1.07
N TYR A 174 13.17 2.75 0.62
CA TYR A 174 13.38 1.38 0.18
C TYR A 174 14.09 0.60 1.29
N PRO A 175 13.41 -0.32 1.97
CA PRO A 175 14.02 -0.98 3.12
C PRO A 175 14.89 -2.18 2.77
N GLY A 176 14.88 -2.63 1.54
CA GLY A 176 15.42 -3.92 1.17
C GLY A 176 14.30 -4.90 0.83
N ALA A 177 14.70 -6.03 0.30
CA ALA A 177 13.77 -7.07 -0.10
C ALA A 177 13.01 -7.61 1.11
N ALA A 178 11.71 -7.85 0.89
CA ALA A 178 10.83 -8.33 1.95
C ALA A 178 9.71 -9.15 1.32
N HIS A 179 8.52 -8.56 1.29
CA HIS A 179 7.40 -9.17 0.57
C HIS A 179 7.73 -9.32 -0.91
N SER A 180 8.46 -8.35 -1.45
CA SER A 180 8.97 -8.43 -2.81
C SER A 180 10.32 -7.74 -2.82
N THR A 181 11.08 -7.90 -3.92
N THR A 181 11.05 -7.89 -3.93
CA THR A 181 12.38 -7.25 -3.94
CA THR A 181 12.36 -7.29 -4.05
C THR A 181 12.26 -5.74 -4.09
C THR A 181 12.30 -5.77 -4.23
N ASP A 182 11.15 -5.26 -4.67
CA ASP A 182 10.96 -3.86 -5.01
C ASP A 182 10.15 -3.07 -3.97
N ASN A 183 9.70 -3.66 -2.89
CA ASN A 183 8.75 -3.00 -2.02
C ASN A 183 9.27 -1.71 -1.40
N LEU A 184 8.42 -0.68 -1.48
CA LEU A 184 8.68 0.61 -0.86
C LEU A 184 7.75 0.83 0.33
N VAL A 185 8.24 1.69 1.23
N VAL A 185 8.24 1.58 1.32
CA VAL A 185 7.56 2.14 2.45
CA VAL A 185 7.36 2.06 2.38
C VAL A 185 7.32 3.64 2.29
C VAL A 185 7.28 3.58 2.27
N VAL A 186 6.25 4.14 2.90
CA VAL A 186 5.90 5.55 2.77
C VAL A 186 5.72 6.14 4.16
N TYR A 187 6.36 7.28 4.43
CA TYR A 187 6.18 7.97 5.70
C TYR A 187 5.56 9.35 5.47
N VAL A 188 4.63 9.72 6.33
CA VAL A 188 3.99 11.04 6.26
C VAL A 188 4.52 11.82 7.45
N PRO A 189 5.54 12.68 7.29
CA PRO A 189 6.18 13.26 8.49
C PRO A 189 5.27 14.18 9.25
N SER A 190 4.29 14.83 8.60
CA SER A 190 3.44 15.77 9.33
C SER A 190 2.61 15.05 10.40
N ALA A 191 2.34 13.76 10.20
CA ALA A 191 1.45 13.02 11.07
C ALA A 191 2.12 11.81 11.69
N ASN A 192 3.39 11.58 11.40
CA ASN A 192 4.10 10.38 11.86
C ASN A 192 3.37 9.10 11.53
N VAL A 193 2.85 9.05 10.31
CA VAL A 193 2.17 7.86 9.78
C VAL A 193 3.12 7.07 8.92
N LEU A 194 3.30 5.78 9.26
CA LEU A 194 4.13 4.86 8.49
C LEU A 194 3.22 3.91 7.73
N TYR A 195 3.23 4.01 6.41
CA TYR A 195 2.52 3.05 5.56
C TYR A 195 3.53 2.02 5.10
N GLY A 196 3.39 0.82 5.62
CA GLY A 196 4.37 -0.21 5.33
C GLY A 196 4.12 -0.97 4.08
N GLY A 197 2.93 -0.82 3.50
CA GLY A 197 2.60 -1.67 2.36
C GLY A 197 2.72 -3.13 2.75
N CYS A 198 2.96 -3.95 1.74
CA CYS A 198 2.88 -5.39 1.96
C CYS A 198 4.10 -5.97 2.66
N ALA A 199 5.13 -5.15 2.89
CA ALA A 199 6.23 -5.54 3.75
C ALA A 199 5.85 -5.60 5.22
N VAL A 200 4.67 -5.10 5.59
CA VAL A 200 4.21 -5.05 6.98
C VAL A 200 2.87 -5.73 7.04
N HIS A 201 2.71 -6.63 8.00
CA HIS A 201 1.46 -7.34 8.23
CA HIS A 201 1.47 -7.35 8.23
C HIS A 201 0.75 -6.86 9.48
N GLU A 202 -0.55 -7.11 9.50
CA GLU A 202 -1.38 -6.73 10.63
C GLU A 202 -1.12 -7.65 11.81
N LEU A 203 -1.50 -7.18 13.00
CA LEU A 203 -1.23 -7.93 14.23
C LEU A 203 -1.93 -9.30 14.28
N SER A 204 -3.08 -9.44 13.65
CA SER A 204 -3.77 -10.73 13.69
C SER A 204 -3.21 -11.76 12.73
N SER A 205 -2.21 -11.38 11.93
N SER A 205 -2.25 -11.38 11.89
CA SER A 205 -1.62 -12.26 10.94
CA SER A 205 -1.76 -12.30 10.87
C SER A 205 -1.06 -13.52 11.57
C SER A 205 -1.06 -13.50 11.51
N THR A 206 -1.24 -14.66 10.87
CA THR A 206 -0.72 -15.93 11.31
C THR A 206 0.32 -16.51 10.36
N SER A 207 0.59 -15.86 9.26
CA SER A 207 1.62 -16.29 8.32
C SER A 207 2.00 -15.04 7.55
N ALA A 208 2.92 -15.19 6.62
CA ALA A 208 3.50 -14.05 5.91
C ALA A 208 2.77 -13.71 4.64
N GLY A 209 1.47 -14.05 4.54
CA GLY A 209 0.67 -13.63 3.38
C GLY A 209 1.04 -14.35 2.11
N ASN A 210 0.99 -13.64 1.00
CA ASN A 210 1.37 -14.21 -0.28
C ASN A 210 2.86 -14.03 -0.49
N VAL A 211 3.61 -15.11 -0.33
CA VAL A 211 5.06 -15.07 -0.35
C VAL A 211 5.64 -15.43 -1.71
N ALA A 212 4.82 -15.41 -2.76
CA ALA A 212 5.27 -15.90 -4.06
C ALA A 212 6.58 -15.25 -4.48
N ASP A 213 6.73 -13.95 -4.22
CA ASP A 213 7.86 -13.17 -4.71
C ASP A 213 8.71 -12.64 -3.56
N ALA A 214 8.58 -13.23 -2.37
CA ALA A 214 9.22 -12.71 -1.17
C ALA A 214 10.64 -13.23 -0.98
N ASP A 215 11.39 -12.55 -0.11
CA ASP A 215 12.69 -13.02 0.35
C ASP A 215 12.56 -13.17 1.87
N LEU A 216 12.18 -14.36 2.33
CA LEU A 216 11.92 -14.54 3.76
C LEU A 216 13.20 -14.36 4.58
N ALA A 217 14.36 -14.70 4.00
CA ALA A 217 15.61 -14.59 4.73
C ALA A 217 16.01 -13.12 4.94
N GLU A 218 15.74 -12.26 3.97
CA GLU A 218 16.11 -10.86 4.07
C GLU A 218 15.05 -10.01 4.77
N TRP A 219 13.81 -10.49 4.78
CA TRP A 219 12.70 -9.68 5.29
C TRP A 219 12.93 -9.16 6.71
N PRO A 220 13.36 -9.96 7.68
CA PRO A 220 13.57 -9.37 9.03
C PRO A 220 14.60 -8.25 9.02
N THR A 221 15.65 -8.37 8.21
CA THR A 221 16.64 -7.31 8.13
C THR A 221 16.01 -6.05 7.57
N SER A 222 15.17 -6.19 6.57
CA SER A 222 14.50 -5.03 6.00
C SER A 222 13.54 -4.39 7.00
N VAL A 223 12.81 -5.19 7.76
CA VAL A 223 11.96 -4.64 8.81
C VAL A 223 12.80 -3.90 9.85
N GLU A 224 13.95 -4.45 10.23
N GLU A 224 13.95 -4.46 10.24
CA GLU A 224 14.82 -3.76 11.18
CA GLU A 224 14.83 -3.76 11.17
C GLU A 224 15.23 -2.39 10.64
C GLU A 224 15.22 -2.39 10.64
N ARG A 225 15.46 -2.28 9.33
CA ARG A 225 15.80 -1.00 8.73
C ARG A 225 14.64 -0.01 8.88
N ILE A 226 13.41 -0.48 8.68
CA ILE A 226 12.24 0.37 8.88
C ILE A 226 12.17 0.86 10.32
N GLN A 227 12.35 -0.07 11.28
CA GLN A 227 12.26 0.28 12.68
C GLN A 227 13.30 1.32 13.04
N LYS A 228 14.50 1.17 12.49
CA LYS A 228 15.58 2.11 12.81
C LYS A 228 15.35 3.46 12.16
N HIS A 229 14.75 3.49 10.97
CA HIS A 229 14.60 4.76 10.27
C HIS A 229 13.39 5.57 10.75
N TYR A 230 12.35 4.94 11.27
CA TYR A 230 11.09 5.60 11.64
C TYR A 230 10.70 5.28 13.08
N PRO A 231 11.57 5.58 14.03
CA PRO A 231 11.29 5.23 15.43
C PRO A 231 10.17 6.04 16.05
N GLU A 232 9.77 7.15 15.42
CA GLU A 232 8.72 8.00 15.99
C GLU A 232 7.38 7.77 15.32
N ALA A 233 7.24 6.71 14.53
CA ALA A 233 5.96 6.43 13.92
C ALA A 233 4.89 6.21 14.99
N GLU A 234 3.73 6.81 14.77
CA GLU A 234 2.60 6.70 15.68
C GLU A 234 1.50 5.78 15.18
N VAL A 235 1.30 5.71 13.88
CA VAL A 235 0.39 4.78 13.24
C VAL A 235 1.19 4.02 12.20
N VAL A 236 0.98 2.71 12.13
CA VAL A 236 1.61 1.85 11.13
C VAL A 236 0.47 1.16 10.38
N ILE A 237 0.46 1.30 9.06
CA ILE A 237 -0.61 0.75 8.21
C ILE A 237 -0.02 -0.39 7.40
N PRO A 238 -0.59 -1.60 7.49
CA PRO A 238 -0.11 -2.73 6.69
C PRO A 238 -0.75 -2.71 5.32
N GLY A 239 -0.19 -3.49 4.39
CA GLY A 239 -0.77 -3.53 3.06
C GLY A 239 -2.12 -4.19 3.00
N HIS A 240 -2.41 -5.06 3.99
CA HIS A 240 -3.70 -5.73 4.11
C HIS A 240 -4.02 -5.79 5.60
N GLY A 241 -5.20 -5.36 5.98
CA GLY A 241 -5.64 -5.49 7.37
C GLY A 241 -5.56 -4.20 8.20
N LEU A 242 -5.66 -4.38 9.52
N LEU A 242 -5.67 -4.38 9.50
CA LEU A 242 -5.93 -3.25 10.43
CA LEU A 242 -5.90 -3.23 10.37
C LEU A 242 -4.67 -2.48 10.80
C LEU A 242 -4.62 -2.47 10.67
N PRO A 243 -4.69 -1.15 10.71
CA PRO A 243 -3.58 -0.37 11.27
C PRO A 243 -3.40 -0.58 12.76
N GLY A 244 -2.19 -0.28 13.22
CA GLY A 244 -1.90 -0.25 14.64
C GLY A 244 -0.71 0.62 14.91
N GLY A 245 0.13 0.25 15.88
CA GLY A 245 1.32 0.99 16.20
C GLY A 245 2.58 0.30 15.73
N LEU A 246 3.70 0.71 16.29
CA LEU A 246 5.00 0.15 15.91
C LEU A 246 5.09 -1.37 16.13
N ASP A 247 4.23 -1.95 16.97
CA ASP A 247 4.30 -3.39 17.20
C ASP A 247 4.07 -4.18 15.92
N LEU A 248 3.40 -3.61 14.92
CA LEU A 248 3.20 -4.36 13.68
C LEU A 248 4.54 -4.74 13.06
N LEU A 249 5.57 -3.92 13.25
CA LEU A 249 6.85 -4.24 12.64
C LEU A 249 7.48 -5.48 13.29
N GLN A 250 7.54 -5.52 14.62
CA GLN A 250 8.10 -6.70 15.25
C GLN A 250 7.23 -7.94 15.00
N HIS A 251 5.89 -7.77 15.01
CA HIS A 251 5.02 -8.91 14.71
C HIS A 251 5.30 -9.46 13.32
N THR A 252 5.50 -8.57 12.35
CA THR A 252 5.82 -9.02 11.00
C THR A 252 7.10 -9.83 10.98
N ALA A 253 8.17 -9.32 11.62
CA ALA A 253 9.40 -10.09 11.70
C ALA A 253 9.16 -11.47 12.29
N ASN A 254 8.36 -11.53 13.35
CA ASN A 254 8.08 -12.81 14.01
C ASN A 254 7.37 -13.78 13.09
N VAL A 255 6.31 -13.34 12.42
CA VAL A 255 5.57 -14.28 11.56
C VAL A 255 6.40 -14.70 10.36
N VAL A 256 7.20 -13.79 9.82
CA VAL A 256 8.04 -14.16 8.69
C VAL A 256 9.06 -15.20 9.09
N LYS A 257 9.71 -15.03 10.26
CA LYS A 257 10.68 -16.02 10.70
C LYS A 257 10.01 -17.38 10.89
N ALA A 258 8.78 -17.38 11.42
CA ALA A 258 8.09 -18.64 11.67
C ALA A 258 7.62 -19.31 10.38
N HIS A 259 7.12 -18.53 9.42
CA HIS A 259 6.77 -19.05 8.11
C HIS A 259 7.96 -19.76 7.49
N LYS A 260 9.08 -19.05 7.38
CA LYS A 260 10.34 -19.62 6.90
C LYS A 260 10.67 -20.92 7.60
N ASN A 261 10.56 -20.94 8.93
CA ASN A 261 10.74 -22.19 9.68
C ASN A 261 9.60 -23.15 9.36
ZN ZN B . 2.41 -8.14 -3.23
ZN ZN C . -0.10 -7.26 -0.88
C10 YSK D . -3.55 -12.52 -1.54
C10 YSK D . -3.62 -12.47 -1.57
C11 YSK D . -2.48 -11.69 -1.15
C11 YSK D . -2.50 -11.68 -1.24
C12 YSK D . -1.75 -11.02 -2.12
C12 YSK D . -1.80 -11.03 -2.25
C14 YSK D . -0.88 -10.51 -0.19
C14 YSK D . -0.82 -10.54 -0.37
C15 YSK D . 0.10 -9.90 0.78
C15 YSK D . 0.25 -9.94 0.49
C18 YSK D . -1.92 -11.37 0.10
C18 YSK D . -1.87 -11.37 -0.01
C19 YSK D . -2.35 -11.82 1.48
C19 YSK D . -2.27 -11.82 1.39
C20 YSK D . -2.35 -10.89 2.51
C20 YSK D . -2.60 -13.12 1.68
C21 YSK D . -2.75 -11.27 3.77
C21 YSK D . -2.98 -13.49 2.97
C22 YSK D . -3.15 -12.56 4.04
C22 YSK D . -3.03 -12.53 3.98
C23 YSK D . -3.57 -12.98 5.45
C23 YSK D . -3.44 -12.95 5.39
C25 YSK D . -0.95 -12.14 6.56
C25 YSK D . -0.82 -12.10 6.39
C01 YSK D . 1.58 -13.47 -7.30
C01 YSK D . 1.45 -13.61 -7.50
C02 YSK D . 1.12 -12.56 -6.16
C02 YSK D . 0.95 -12.67 -6.41
C04 YSK D . -0.05 -11.19 -4.95
C04 YSK D . -0.24 -11.26 -5.21
C05 YSK D . -1.20 -10.31 -4.47
C05 YSK D . -1.33 -10.36 -4.63
C06 YSK D . -2.03 -9.73 -5.60
C06 YSK D . -2.19 -9.72 -5.73
C07 YSK D . -2.05 -11.13 -3.48
C07 YSK D . -2.16 -11.15 -3.59
C08 YSK D . -3.10 -11.95 -3.84
C08 YSK D . -3.26 -11.93 -3.91
C09 YSK D . -3.86 -12.63 -2.89
C09 YSK D . -3.99 -12.58 -2.91
C28 YSK D . -3.14 -13.48 2.99
C28 YSK D . -2.71 -11.21 3.68
C30 YSK D . -2.75 -13.10 1.72
C30 YSK D . -2.33 -10.86 2.40
F29 YSK D . -3.53 -14.75 3.21
F29 YSK D . -2.74 -10.24 4.66
N03 YSK D . -0.03 -11.89 -6.13
N03 YSK D . -0.24 -12.02 -6.39
N13 YSK D . -0.80 -10.29 -1.50
N13 YSK D . -0.82 -10.34 -1.68
N31 YSK D . 1.08 -11.42 -4.24
N31 YSK D . 0.88 -11.49 -4.59
O16 YSK D . 0.45 -10.63 1.77
O16 YSK D . 0.78 -10.68 1.39
O17 YSK D . 0.66 -8.80 0.53
O17 YSK D . 0.73 -8.82 0.20
O26 YSK D . -1.45 -14.62 5.67
O26 YSK D . -1.34 -14.66 5.71
O27 YSK D . -2.47 -13.95 7.74
O27 YSK D . -2.34 -13.87 7.69
O32 YSK D . 1.77 -12.27 -5.04
O32 YSK D . 1.61 -12.32 -5.30
S24 YSK D . -2.10 -13.53 6.41
S24 YSK D . -1.96 -13.49 6.33
H101 YSK D . -4.13 -13.05 -0.79
H101 YSK D . -4.18 -12.98 -0.81
H201 YSK D . -2.05 -9.87 2.32
H201 YSK D . -2.59 -13.87 0.89
H211 YSK D . -2.75 -10.53 4.57
H211 YSK D . -3.22 -14.52 3.19
H231 YSK D . -4.04 -12.15 5.96
H231 YSK D . -3.91 -12.13 5.89
H232 YSK D . -4.28 -13.80 5.39
H232 YSK D . -4.13 -13.78 5.32
H252 YSK D . -0.54 -12.12 7.56
H252 YSK D . -0.20 -12.10 5.49
H253 YSK D . -1.49 -11.21 6.36
H253 YSK D . -0.19 -12.18 7.26
H251 YSK D . -0.15 -12.25 5.82
H251 YSK D . -1.38 -11.17 6.43
H012 YSK D . 2.55 -13.12 -7.67
H012 YSK D . 0.69 -13.69 -8.28
H013 YSK D . 0.86 -13.43 -8.11
H013 YSK D . 2.37 -13.22 -7.93
H011 YSK D . 1.69 -14.49 -6.94
H011 YSK D . 1.63 -14.60 -7.08
H051 YSK D . -0.77 -9.46 -3.95
H051 YSK D . -0.84 -9.56 -4.10
H062 YSK D . -2.66 -10.51 -6.01
H062 YSK D . -2.88 -10.46 -6.11
H063 YSK D . -1.38 -9.35 -6.38
H063 YSK D . -1.55 -9.37 -6.53
H061 YSK D . -2.64 -8.92 -5.22
H061 YSK D . -2.74 -8.88 -5.30
H081 YSK D . -3.34 -12.06 -4.89
H081 YSK D . -3.56 -12.03 -4.94
H091 YSK D . -4.68 -13.26 -3.20
H091 YSK D . -4.85 -13.19 -3.19
H301 YSK D . -2.77 -13.83 0.92
H301 YSK D . -2.09 -9.83 2.17
H131 YSK D . -0.15 -9.69 -1.95
H131 YSK D . -0.16 -9.75 -2.17
#